data_6WQC
#
_entry.id   6WQC
#
_cell.length_a   172.062
_cell.length_b   36.659
_cell.length_c   59.803
_cell.angle_alpha   90.000
_cell.angle_beta   90.000
_cell.angle_gamma   90.000
#
_symmetry.space_group_name_H-M   'P 21 21 2'
#
loop_
_entity.id
_entity.type
_entity.pdbx_description
1 polymer 'N-terminal acetyltransferase, GNAT family'
2 non-polymer 'COENZYME A'
3 water water
#
_entity_poly.entity_id   1
_entity_poly.type   'polypeptide(L)'
_entity_poly.pdbx_seq_one_letter_code
;AQG(MSE)IICNNQIDDDQLKAIQDLASLCREHDGGTPTFYNHLLIQKRPTENNVLYFQDNQLLGFLSVYFFYEDACEVS
LIVSPLHRRQGIAKQLLQTI(MSE)PLLTAKE(MSE)TTLIFSTPTEINDDWLINQGFSYRNSEYH(MSE)QRNGYDPIF
(MSE)PTPKLHIRKATEDDIPALCAIDEACFPEHQEN(MSE)ISRFS(MSE)LLNDASYTLFLASYNHIIVGKAHIHWQS
KEAIFSDIAIFPQYQGQGWGGELLSYCINQALTSGKNKL(MSE)LDVETSNQNALHLYTRLGFKTANVSDYWVIPLPQLL
TNWALE
;
_entity_poly.pdbx_strand_id   A
#
# COMPACT_ATOMS: atom_id res chain seq x y z
N ALA A 1 -18.03 -13.38 -31.68
CA ALA A 1 -18.09 -12.14 -30.92
C ALA A 1 -18.74 -12.38 -29.57
N GLN A 2 -18.14 -11.84 -28.50
CA GLN A 2 -18.64 -12.10 -27.16
C GLN A 2 -18.08 -11.08 -26.18
N GLY A 3 -18.96 -10.36 -25.51
CA GLY A 3 -18.58 -9.50 -24.40
C GLY A 3 -19.28 -9.97 -23.14
N ILE A 5 -19.65 -9.14 -18.76
CA ILE A 5 -19.37 -8.30 -17.61
C ILE A 5 -19.86 -9.02 -16.35
N ILE A 6 -18.93 -9.31 -15.45
CA ILE A 6 -19.23 -9.92 -14.16
C ILE A 6 -19.05 -8.88 -13.08
N CYS A 7 -20.04 -8.75 -12.20
CA CYS A 7 -19.98 -7.84 -11.07
C CYS A 7 -20.30 -8.67 -9.84
N ASN A 8 -19.32 -8.79 -8.93
CA ASN A 8 -19.49 -9.65 -7.76
C ASN A 8 -18.92 -8.96 -6.51
N ASN A 9 -18.98 -9.66 -5.38
CA ASN A 9 -18.52 -9.17 -4.10
C ASN A 9 -17.31 -9.92 -3.57
N GLN A 10 -16.73 -10.82 -4.36
CA GLN A 10 -15.58 -11.59 -3.93
C GLN A 10 -14.87 -12.15 -5.15
N ILE A 11 -13.56 -11.98 -5.19
CA ILE A 11 -12.74 -12.50 -6.29
C ILE A 11 -12.34 -13.93 -5.93
N ASP A 12 -12.73 -14.89 -6.77
CA ASP A 12 -12.33 -16.27 -6.53
C ASP A 12 -10.87 -16.47 -6.93
N ASP A 13 -10.38 -17.70 -6.74
CA ASP A 13 -8.96 -17.97 -6.95
C ASP A 13 -8.55 -17.79 -8.41
N ASP A 14 -9.34 -18.34 -9.33
CA ASP A 14 -8.98 -18.26 -10.74
C ASP A 14 -9.18 -16.84 -11.29
N GLN A 15 -10.24 -16.16 -10.86
CA GLN A 15 -10.40 -14.74 -11.20
C GLN A 15 -9.19 -13.93 -10.72
N LEU A 16 -8.71 -14.22 -9.51
CA LEU A 16 -7.52 -13.52 -9.02
C LEU A 16 -6.33 -13.76 -9.92
N LYS A 17 -6.16 -15.00 -10.40
CA LYS A 17 -4.98 -15.13 -11.24
C LYS A 17 -5.21 -14.55 -12.62
N ALA A 18 -6.43 -14.43 -13.12
CA ALA A 18 -6.65 -13.64 -14.34
C ALA A 18 -6.33 -12.17 -14.11
N ILE A 19 -6.74 -11.63 -12.96
CA ILE A 19 -6.50 -10.22 -12.65
C ILE A 19 -5.01 -9.94 -12.54
N GLN A 20 -4.28 -10.82 -11.86
CA GLN A 20 -2.84 -10.63 -11.72
C GLN A 20 -2.13 -10.76 -13.06
N ASP A 21 -2.62 -11.61 -13.95
CA ASP A 21 -2.03 -11.70 -15.28
C ASP A 21 -2.29 -10.43 -16.08
N LEU A 22 -3.51 -9.89 -16.01
CA LEU A 22 -3.80 -8.63 -16.68
C LEU A 22 -2.96 -7.50 -16.10
N ALA A 23 -2.84 -7.44 -14.77
CA ALA A 23 -2.04 -6.39 -14.15
C ALA A 23 -0.58 -6.50 -14.59
N SER A 24 -0.06 -7.72 -14.69
CA SER A 24 1.34 -7.88 -15.10
C SER A 24 1.54 -7.45 -16.54
N LEU A 25 0.54 -7.67 -17.39
CA LEU A 25 0.62 -7.17 -18.77
C LEU A 25 0.64 -5.64 -18.77
N CYS A 26 -0.16 -5.02 -17.91
CA CYS A 26 -0.08 -3.55 -17.85
C CYS A 26 1.26 -3.10 -17.29
N ARG A 27 1.81 -3.78 -16.29
CA ARG A 27 3.15 -3.44 -15.80
C ARG A 27 4.18 -3.55 -16.91
N GLU A 28 4.01 -4.52 -17.81
CA GLU A 28 4.88 -4.64 -18.98
C GLU A 28 4.94 -3.34 -19.77
N HIS A 29 3.79 -2.70 -19.98
CA HIS A 29 3.72 -1.54 -20.86
C HIS A 29 3.73 -0.21 -20.12
N ASP A 30 3.30 -0.17 -18.86
CA ASP A 30 3.12 1.09 -18.15
C ASP A 30 4.26 1.39 -17.17
N GLY A 31 5.09 0.41 -16.84
CA GLY A 31 6.15 0.61 -15.87
C GLY A 31 5.71 0.53 -14.43
N GLY A 32 4.44 0.27 -14.18
CA GLY A 32 3.90 0.23 -12.84
C GLY A 32 2.41 -0.03 -12.94
N THR A 33 1.81 -0.29 -11.79
CA THR A 33 0.42 -0.70 -11.73
C THR A 33 -0.32 0.07 -10.65
N PRO A 34 -1.64 0.19 -10.76
CA PRO A 34 -2.42 0.69 -9.64
C PRO A 34 -2.27 -0.21 -8.41
N THR A 35 -2.70 0.31 -7.27
CA THR A 35 -2.60 -0.42 -6.02
C THR A 35 -3.83 -1.30 -5.84
N PHE A 36 -3.61 -2.61 -5.71
CA PHE A 36 -4.65 -3.57 -5.41
C PHE A 36 -4.48 -4.07 -3.98
N TYR A 37 -5.59 -4.29 -3.30
CA TYR A 37 -5.59 -4.80 -1.93
C TYR A 37 -6.12 -6.22 -1.98
N ASN A 38 -5.20 -7.19 -2.10
CA ASN A 38 -5.59 -8.56 -2.39
C ASN A 38 -6.42 -9.17 -1.26
N HIS A 39 -6.14 -8.80 -0.01
CA HIS A 39 -6.93 -9.34 1.10
C HIS A 39 -8.37 -8.86 1.05
N LEU A 40 -8.60 -7.66 0.51
CA LEU A 40 -9.97 -7.16 0.37
C LEU A 40 -10.67 -7.77 -0.84
N LEU A 41 -9.92 -8.02 -1.92
CA LEU A 41 -10.51 -8.61 -3.12
C LEU A 41 -11.07 -10.00 -2.84
N ILE A 42 -10.28 -10.85 -2.17
CA ILE A 42 -10.68 -12.23 -1.91
C ILE A 42 -11.60 -12.37 -0.71
N GLN A 43 -11.98 -11.26 -0.09
CA GLN A 43 -12.90 -11.27 1.03
C GLN A 43 -14.32 -11.12 0.53
N LYS A 44 -15.27 -11.72 1.26
CA LYS A 44 -16.69 -11.59 0.96
C LYS A 44 -17.15 -10.23 1.50
N ARG A 45 -17.18 -9.23 0.64
CA ARG A 45 -17.43 -7.87 1.09
C ARG A 45 -18.92 -7.54 1.03
N PRO A 46 -19.37 -6.53 1.79
CA PRO A 46 -20.82 -6.29 1.93
C PRO A 46 -21.53 -5.98 0.62
N THR A 47 -20.84 -5.36 -0.34
CA THR A 47 -21.46 -4.95 -1.59
C THR A 47 -20.64 -5.50 -2.76
N GLU A 48 -21.21 -5.37 -3.97
CA GLU A 48 -20.59 -5.86 -5.19
C GLU A 48 -19.57 -4.83 -5.65
N ASN A 49 -18.33 -4.95 -5.17
CA ASN A 49 -17.30 -3.93 -5.39
C ASN A 49 -16.38 -4.24 -6.57
N ASN A 50 -16.49 -5.43 -7.16
CA ASN A 50 -15.57 -5.87 -8.21
C ASN A 50 -16.31 -6.00 -9.54
N VAL A 51 -15.67 -5.54 -10.61
CA VAL A 51 -16.23 -5.58 -11.95
C VAL A 51 -15.17 -6.15 -12.89
N LEU A 52 -15.49 -7.27 -13.53
CA LEU A 52 -14.59 -7.95 -14.47
C LEU A 52 -15.18 -7.86 -15.87
N TYR A 53 -14.36 -7.44 -16.84
CA TYR A 53 -14.79 -7.29 -18.22
C TYR A 53 -14.07 -8.31 -19.09
N PHE A 54 -14.84 -9.22 -19.70
CA PHE A 54 -14.31 -10.27 -20.55
C PHE A 54 -14.75 -10.04 -21.99
N GLN A 55 -13.91 -10.52 -22.92
CA GLN A 55 -14.20 -10.42 -24.34
C GLN A 55 -13.64 -11.67 -25.00
N ASP A 56 -14.53 -12.56 -25.46
CA ASP A 56 -14.13 -13.86 -25.97
C ASP A 56 -13.30 -14.63 -24.95
N ASN A 57 -13.83 -14.73 -23.73
CA ASN A 57 -13.12 -15.59 -22.78
C ASN A 57 -11.84 -14.95 -22.27
N GLN A 58 -11.64 -13.64 -22.42
CA GLN A 58 -10.36 -13.01 -22.13
CA GLN A 58 -10.37 -12.99 -22.15
C GLN A 58 -10.59 -11.84 -21.19
N LEU A 59 -9.90 -11.84 -20.06
CA LEU A 59 -10.03 -10.74 -19.12
C LEU A 59 -9.32 -9.52 -19.69
N LEU A 60 -10.09 -8.48 -20.03
CA LEU A 60 -9.54 -7.29 -20.64
C LEU A 60 -9.60 -6.06 -19.73
N GLY A 61 -10.47 -6.06 -18.74
CA GLY A 61 -10.59 -4.93 -17.84
C GLY A 61 -11.02 -5.40 -16.47
N PHE A 62 -10.61 -4.66 -15.46
CA PHE A 62 -10.97 -4.99 -14.08
C PHE A 62 -11.00 -3.71 -13.27
N LEU A 63 -12.04 -3.56 -12.46
CA LEU A 63 -12.18 -2.44 -11.54
C LEU A 63 -12.62 -2.98 -10.19
N SER A 64 -12.05 -2.42 -9.13
CA SER A 64 -12.57 -2.70 -7.79
C SER A 64 -12.53 -1.40 -7.00
N VAL A 65 -13.52 -1.20 -6.15
CA VAL A 65 -13.62 -0.02 -5.31
C VAL A 65 -13.44 -0.44 -3.87
N TYR A 66 -12.75 0.39 -3.09
CA TYR A 66 -12.51 0.16 -1.67
C TYR A 66 -13.04 1.35 -0.89
N PHE A 67 -13.86 1.08 0.13
CA PHE A 67 -14.50 2.13 0.90
C PHE A 67 -13.70 2.34 2.19
N PHE A 68 -12.68 3.19 2.09
CA PHE A 68 -11.79 3.45 3.21
C PHE A 68 -12.29 4.59 4.09
N TYR A 69 -12.56 5.74 3.51
CA TYR A 69 -13.00 6.91 4.25
C TYR A 69 -14.52 6.97 4.23
N GLU A 70 -15.08 8.17 4.43
CA GLU A 70 -16.53 8.30 4.54
C GLU A 70 -17.16 8.79 3.23
N ASP A 71 -16.74 9.95 2.72
CA ASP A 71 -17.26 10.43 1.45
C ASP A 71 -16.33 10.11 0.28
N ALA A 72 -15.22 9.40 0.53
CA ALA A 72 -14.23 9.09 -0.48
C ALA A 72 -14.04 7.58 -0.60
N CYS A 73 -13.76 7.13 -1.81
CA CYS A 73 -13.44 5.73 -2.05
C CYS A 73 -12.27 5.64 -3.03
N GLU A 74 -11.46 4.59 -2.86
CA GLU A 74 -10.33 4.32 -3.73
C GLU A 74 -10.74 3.34 -4.82
N VAL A 75 -10.26 3.61 -6.03
CA VAL A 75 -10.58 2.79 -7.19
C VAL A 75 -9.27 2.29 -7.80
N SER A 76 -9.19 0.98 -8.02
CA SER A 76 -8.10 0.39 -8.79
C SER A 76 -8.69 -0.14 -10.09
N LEU A 77 -8.18 0.35 -11.21
CA LEU A 77 -8.77 0.11 -12.52
C LEU A 77 -7.66 -0.15 -13.53
N ILE A 78 -7.81 -1.21 -14.33
CA ILE A 78 -6.83 -1.56 -15.36
C ILE A 78 -7.55 -2.06 -16.60
N VAL A 79 -7.00 -1.71 -17.76
CA VAL A 79 -7.48 -2.17 -19.06
C VAL A 79 -6.29 -2.67 -19.86
N SER A 80 -6.45 -3.81 -20.52
CA SER A 80 -5.41 -4.38 -21.37
C SER A 80 -4.82 -3.31 -22.29
N PRO A 81 -3.51 -3.07 -22.23
CA PRO A 81 -2.90 -2.05 -23.10
C PRO A 81 -3.13 -2.30 -24.59
N LEU A 82 -3.56 -3.50 -24.97
CA LEU A 82 -3.86 -3.82 -26.36
C LEU A 82 -5.31 -3.54 -26.73
N HIS A 83 -6.12 -3.03 -25.79
CA HIS A 83 -7.54 -2.79 -26.03
C HIS A 83 -7.96 -1.47 -25.39
N ARG A 84 -7.12 -0.46 -25.47
CA ARG A 84 -7.38 0.82 -24.82
C ARG A 84 -8.01 1.81 -25.80
N ARG A 85 -8.59 2.88 -25.23
CA ARG A 85 -9.36 3.88 -25.96
C ARG A 85 -10.52 3.25 -26.72
N GLN A 86 -11.06 2.14 -26.20
CA GLN A 86 -12.26 1.52 -26.72
C GLN A 86 -13.44 1.66 -25.79
N GLY A 87 -13.29 2.40 -24.70
CA GLY A 87 -14.36 2.58 -23.75
C GLY A 87 -14.51 1.50 -22.72
N ILE A 88 -13.51 0.63 -22.54
CA ILE A 88 -13.64 -0.42 -21.53
C ILE A 88 -13.64 0.19 -20.14
N ALA A 89 -12.87 1.27 -19.94
CA ALA A 89 -12.86 1.91 -18.63
C ALA A 89 -14.19 2.59 -18.32
N LYS A 90 -14.84 3.24 -19.31
CA LYS A 90 -16.14 3.86 -19.01
C LYS A 90 -17.19 2.80 -18.74
N GLN A 91 -17.12 1.66 -19.46
CA GLN A 91 -18.05 0.57 -19.20
C GLN A 91 -17.91 0.07 -17.76
N LEU A 92 -16.68 -0.14 -17.30
CA LEU A 92 -16.46 -0.62 -15.94
C LEU A 92 -17.00 0.37 -14.91
N LEU A 93 -16.82 1.67 -15.17
CA LEU A 93 -17.29 2.67 -14.21
C LEU A 93 -18.81 2.81 -14.26
N GLN A 94 -19.40 2.74 -15.46
CA GLN A 94 -20.85 2.71 -15.57
C GLN A 94 -21.45 1.59 -14.74
N THR A 95 -20.80 0.42 -14.74
CA THR A 95 -21.28 -0.71 -13.94
C THR A 95 -21.29 -0.38 -12.46
N ILE A 96 -20.24 0.30 -11.98
CA ILE A 96 -20.07 0.50 -10.53
C ILE A 96 -20.77 1.74 -10.00
N PRO A 98 -23.92 2.93 -10.02
CA PRO A 98 -25.10 2.72 -9.16
C PRO A 98 -24.75 2.44 -7.71
N LEU A 99 -23.70 1.64 -7.47
CA LEU A 99 -23.25 1.42 -6.10
C LEU A 99 -22.68 2.70 -5.51
N LEU A 100 -21.96 3.49 -6.31
CA LEU A 100 -21.32 4.69 -5.80
C LEU A 100 -22.35 5.77 -5.47
N THR A 101 -23.37 5.94 -6.32
CA THR A 101 -24.40 6.93 -6.01
C THR A 101 -25.26 6.51 -4.83
N ALA A 102 -25.47 5.20 -4.66
CA ALA A 102 -26.27 4.72 -3.54
C ALA A 102 -25.54 4.94 -2.22
N LYS A 103 -24.22 4.76 -2.21
CA LYS A 103 -23.43 5.03 -1.02
C LYS A 103 -23.15 6.50 -0.83
N GLU A 104 -23.67 7.36 -1.70
CA GLU A 104 -23.57 8.81 -1.50
C GLU A 104 -22.12 9.26 -1.62
N THR A 106 -18.83 11.22 -3.02
CA THR A 106 -18.61 12.55 -3.58
C THR A 106 -17.24 12.76 -4.20
N THR A 107 -16.28 11.88 -3.92
CA THR A 107 -14.90 12.04 -4.37
C THR A 107 -14.31 10.67 -4.64
N LEU A 108 -13.55 10.55 -5.72
CA LEU A 108 -12.92 9.30 -6.12
C LEU A 108 -11.42 9.45 -6.08
N ILE A 109 -10.74 8.41 -5.58
CA ILE A 109 -9.29 8.34 -5.52
C ILE A 109 -8.84 7.21 -6.42
N PHE A 110 -8.06 7.53 -7.44
CA PHE A 110 -7.52 6.55 -8.36
C PHE A 110 -6.03 6.38 -8.10
N SER A 111 -5.59 5.14 -8.00
CA SER A 111 -4.17 4.81 -8.00
C SER A 111 -3.72 4.50 -9.43
N THR A 112 -2.58 5.05 -9.82
CA THR A 112 -2.13 5.00 -11.20
C THR A 112 -0.61 4.77 -11.24
N PRO A 113 -0.11 4.16 -12.30
CA PRO A 113 1.34 4.19 -12.52
C PRO A 113 1.80 5.62 -12.77
N THR A 114 3.05 5.88 -12.44
CA THR A 114 3.53 7.27 -12.47
C THR A 114 3.77 7.75 -13.90
N GLU A 115 3.75 9.07 -14.05
CA GLU A 115 4.15 9.78 -15.26
C GLU A 115 3.20 9.62 -16.44
N ILE A 116 2.89 8.38 -16.84
CA ILE A 116 2.29 8.13 -18.15
C ILE A 116 0.95 8.83 -18.33
N ASN A 117 0.22 9.06 -17.25
CA ASN A 117 -1.10 9.68 -17.32
C ASN A 117 -1.13 11.12 -16.82
N ASP A 118 0.02 11.67 -16.41
CA ASP A 118 0.05 12.95 -15.71
C ASP A 118 -0.69 14.05 -16.48
N ASP A 119 -0.42 14.17 -17.79
CA ASP A 119 -0.90 15.36 -18.48
C ASP A 119 -2.41 15.30 -18.72
N TRP A 120 -2.98 14.19 -19.17
CA TRP A 120 -4.43 14.17 -19.38
C TRP A 120 -5.20 14.10 -18.07
N LEU A 121 -4.59 13.57 -17.00
CA LEU A 121 -5.24 13.62 -15.70
C LEU A 121 -5.42 15.05 -15.22
N ILE A 122 -4.35 15.84 -15.22
CA ILE A 122 -4.45 17.20 -14.72
C ILE A 122 -5.32 18.05 -15.65
N ASN A 123 -5.30 17.75 -16.96
CA ASN A 123 -6.12 18.48 -17.92
C ASN A 123 -7.59 18.07 -17.88
N GLN A 124 -7.95 17.10 -17.05
CA GLN A 124 -9.33 16.67 -16.89
C GLN A 124 -9.88 16.95 -15.49
N GLY A 125 -9.17 17.72 -14.68
CA GLY A 125 -9.63 18.06 -13.35
C GLY A 125 -9.23 17.12 -12.25
N PHE A 126 -8.34 16.16 -12.53
CA PHE A 126 -7.77 15.34 -11.48
C PHE A 126 -6.70 16.11 -10.75
N SER A 127 -6.52 15.80 -9.46
CA SER A 127 -5.54 16.47 -8.61
C SER A 127 -4.63 15.44 -7.96
N TYR A 128 -3.32 15.59 -8.16
CA TYR A 128 -2.35 14.71 -7.54
C TYR A 128 -2.36 14.90 -6.02
N ARG A 129 -2.24 13.78 -5.30
CA ARG A 129 -2.31 13.79 -3.84
C ARG A 129 -1.03 13.31 -3.20
N ASN A 130 -0.57 12.12 -3.55
CA ASN A 130 0.65 11.55 -2.98
C ASN A 130 1.05 10.34 -3.81
N SER A 131 2.10 9.66 -3.38
CA SER A 131 2.48 8.44 -4.07
C SER A 131 2.88 7.40 -3.03
N GLU A 132 2.93 6.15 -3.50
CA GLU A 132 3.23 5.03 -2.63
C GLU A 132 4.26 4.14 -3.29
N TYR A 133 5.34 3.85 -2.55
CA TYR A 133 6.41 2.98 -3.00
C TYR A 133 6.29 1.65 -2.27
N HIS A 134 6.00 0.59 -3.01
CA HIS A 134 5.95 -0.75 -2.46
C HIS A 134 7.33 -1.36 -2.60
N GLN A 136 10.72 -3.92 -1.56
CA GLN A 136 11.09 -5.27 -1.20
C GLN A 136 12.60 -5.34 -1.09
N ARG A 137 13.08 -6.01 -0.04
CA ARG A 137 14.46 -6.44 0.07
C ARG A 137 14.46 -7.95 -0.04
N ASN A 138 15.02 -8.47 -1.13
CA ASN A 138 14.94 -9.90 -1.41
C ASN A 138 16.27 -10.62 -1.29
N GLY A 139 17.36 -9.91 -0.98
CA GLY A 139 18.65 -10.56 -0.86
C GLY A 139 18.72 -11.50 0.33
N TYR A 140 19.58 -12.50 0.22
CA TYR A 140 19.84 -13.39 1.34
C TYR A 140 20.98 -12.89 2.23
N ASP A 141 21.73 -11.90 1.78
CA ASP A 141 22.88 -11.42 2.54
C ASP A 141 22.41 -10.51 3.67
N PRO A 142 22.94 -10.67 4.87
CA PRO A 142 22.60 -9.76 5.97
C PRO A 142 23.37 -8.45 5.85
N ILE A 143 23.01 -7.52 6.73
CA ILE A 143 23.66 -6.23 6.80
C ILE A 143 24.82 -6.32 7.77
N PHE A 144 26.01 -5.95 7.33
CA PHE A 144 27.19 -5.97 8.19
C PHE A 144 27.28 -4.62 8.90
N PRO A 146 28.56 -1.81 11.91
CA PRO A 146 29.63 -1.40 12.82
C PRO A 146 29.24 -1.64 14.28
N THR A 147 30.08 -1.14 15.20
CA THR A 147 29.81 -1.16 16.63
C THR A 147 28.38 -0.73 16.93
N PRO A 148 27.52 -1.62 17.41
CA PRO A 148 26.17 -1.21 17.78
C PRO A 148 26.21 -0.23 18.94
N LYS A 149 25.44 0.86 18.81
CA LYS A 149 25.34 1.84 19.89
C LYS A 149 23.96 1.86 20.53
N LEU A 150 22.99 1.12 20.01
CA LEU A 150 21.65 1.05 20.56
C LEU A 150 21.41 -0.31 21.21
N HIS A 151 20.61 -0.30 22.26
CA HIS A 151 20.02 -1.51 22.79
C HIS A 151 18.63 -1.65 22.20
N ILE A 152 18.35 -2.82 21.61
CA ILE A 152 17.09 -3.07 20.91
C ILE A 152 16.45 -4.32 21.48
N ARG A 153 15.19 -4.20 21.88
CA ARG A 153 14.47 -5.31 22.49
C ARG A 153 13.02 -5.29 22.04
N LYS A 154 12.37 -6.44 22.20
CA LYS A 154 10.95 -6.53 21.90
C LYS A 154 10.14 -5.83 22.98
N ALA A 155 9.24 -4.93 22.56
CA ALA A 155 8.41 -4.21 23.51
C ALA A 155 7.41 -5.16 24.14
N THR A 156 7.34 -5.17 25.47
CA THR A 156 6.30 -5.87 26.20
C THR A 156 5.13 -4.92 26.42
N GLU A 157 4.10 -5.39 27.11
CA GLU A 157 2.99 -4.52 27.47
C GLU A 157 3.39 -3.42 28.46
N ASP A 158 4.62 -3.44 28.99
CA ASP A 158 5.05 -2.40 29.90
C ASP A 158 5.73 -1.23 29.19
N ASP A 159 5.82 -1.26 27.87
CA ASP A 159 6.42 -0.15 27.16
C ASP A 159 5.37 0.75 26.52
N ILE A 160 4.11 0.59 26.93
CA ILE A 160 3.02 1.40 26.38
C ILE A 160 3.27 2.90 26.53
N PRO A 161 3.67 3.42 27.70
CA PRO A 161 3.93 4.87 27.79
C PRO A 161 5.01 5.32 26.82
N ALA A 162 6.08 4.55 26.67
CA ALA A 162 7.08 4.87 25.67
C ALA A 162 6.52 4.75 24.25
N LEU A 163 5.72 3.70 23.99
CA LEU A 163 5.08 3.58 22.68
C LEU A 163 4.13 4.74 22.43
N CYS A 164 3.41 5.17 23.47
CA CYS A 164 2.50 6.30 23.24
C CYS A 164 3.26 7.60 23.08
N ALA A 165 4.38 7.80 23.79
CA ALA A 165 5.22 8.96 23.53
C ALA A 165 5.68 9.00 22.09
N ILE A 166 6.12 7.86 21.56
CA ILE A 166 6.60 7.79 20.18
C ILE A 166 5.47 8.10 19.20
N ASP A 167 4.28 7.55 19.45
CA ASP A 167 3.12 7.77 18.60
C ASP A 167 2.69 9.23 18.62
N GLU A 168 2.64 9.81 19.81
CA GLU A 168 2.27 11.22 19.93
C GLU A 168 3.20 12.11 19.12
N ALA A 169 4.48 11.78 19.08
CA ALA A 169 5.44 12.62 18.38
C ALA A 169 5.55 12.30 16.90
N CYS A 170 5.08 11.13 16.45
CA CYS A 170 5.34 10.72 15.07
C CYS A 170 4.10 10.20 14.35
N PHE A 171 3.12 9.66 15.06
CA PHE A 171 1.95 9.02 14.45
C PHE A 171 0.67 9.58 15.06
N PRO A 172 0.33 10.84 14.76
CA PRO A 172 -0.90 11.43 15.32
C PRO A 172 -2.18 10.80 14.79
N GLU A 173 -2.11 9.97 13.75
CA GLU A 173 -3.34 9.41 13.20
C GLU A 173 -3.97 8.36 14.11
N HIS A 174 -3.28 7.90 15.16
CA HIS A 174 -3.80 6.87 16.05
C HIS A 174 -4.20 7.41 17.42
N GLN A 175 -4.36 8.73 17.57
CA GLN A 175 -4.44 9.46 18.84
C GLN A 175 -5.37 8.80 19.85
N GLU A 176 -6.58 8.53 19.33
CA GLU A 176 -7.66 8.15 20.23
C GLU A 176 -7.97 6.67 20.24
N ASN A 177 -7.24 5.85 19.48
CA ASN A 177 -7.25 4.40 19.51
C ASN A 177 -5.92 3.84 20.02
N ILE A 179 -3.92 3.42 22.90
CA ILE A 179 -3.68 2.46 23.98
C ILE A 179 -4.31 1.11 23.63
N SER A 180 -5.53 1.13 23.09
CA SER A 180 -6.17 -0.13 22.78
C SER A 180 -5.54 -0.81 21.56
N ARG A 181 -5.06 -0.03 20.58
CA ARG A 181 -4.33 -0.64 19.48
C ARG A 181 -3.05 -1.31 19.97
N PHE A 182 -2.30 -0.65 20.85
CA PHE A 182 -1.08 -1.25 21.38
C PHE A 182 -1.38 -2.50 22.19
N SER A 183 -2.47 -2.49 22.98
CA SER A 183 -2.77 -3.65 23.79
C SER A 183 -3.01 -4.89 22.94
N LEU A 185 -1.64 -5.32 19.66
CA LEU A 185 -0.38 -5.64 18.98
C LEU A 185 0.58 -6.37 19.91
N LEU A 186 0.67 -5.92 21.17
CA LEU A 186 1.63 -6.49 22.10
C LEU A 186 1.22 -7.88 22.58
N ASN A 187 -0.04 -8.26 22.39
CA ASN A 187 -0.50 -9.59 22.75
C ASN A 187 -0.82 -10.42 21.52
N ASP A 188 -0.10 -10.17 20.42
CA ASP A 188 -0.17 -10.95 19.20
C ASP A 188 1.26 -11.35 18.83
N ALA A 189 1.58 -12.64 18.95
CA ALA A 189 2.95 -13.10 18.74
C ALA A 189 3.42 -12.89 17.32
N SER A 190 2.49 -12.77 16.36
CA SER A 190 2.89 -12.50 14.97
C SER A 190 3.33 -11.05 14.76
N TYR A 191 3.29 -10.21 15.79
CA TYR A 191 3.82 -8.87 15.73
C TYR A 191 4.99 -8.74 16.71
N THR A 192 6.07 -8.13 16.25
CA THR A 192 7.20 -7.79 17.11
C THR A 192 7.44 -6.29 16.99
N LEU A 193 7.24 -5.57 18.10
CA LEU A 193 7.47 -4.12 18.14
C LEU A 193 8.82 -3.88 18.79
N PHE A 194 9.81 -3.51 17.97
CA PHE A 194 11.17 -3.35 18.46
C PHE A 194 11.36 -1.95 19.01
N LEU A 195 11.89 -1.85 20.22
CA LEU A 195 12.18 -0.58 20.86
C LEU A 195 13.69 -0.36 20.86
N ALA A 196 14.11 0.78 20.35
CA ALA A 196 15.52 1.15 20.33
C ALA A 196 15.79 2.13 21.47
N SER A 197 16.86 1.88 22.22
CA SER A 197 17.26 2.72 23.34
C SER A 197 18.74 3.08 23.22
N TYR A 198 19.09 4.33 23.49
CA TYR A 198 20.47 4.77 23.55
C TYR A 198 20.75 5.22 24.98
N ASN A 199 21.60 4.47 25.68
CA ASN A 199 21.92 4.75 27.08
C ASN A 199 20.65 4.86 27.92
N HIS A 200 19.78 3.87 27.76
CA HIS A 200 18.54 3.67 28.51
C HIS A 200 17.47 4.71 28.21
N ILE A 201 17.69 5.56 27.21
CA ILE A 201 16.66 6.49 26.73
C ILE A 201 16.11 5.95 25.43
N ILE A 202 14.79 5.85 25.36
CA ILE A 202 14.13 5.28 24.18
C ILE A 202 14.12 6.32 23.06
N VAL A 203 14.58 5.92 21.88
CA VAL A 203 14.78 6.85 20.78
C VAL A 203 13.92 6.54 19.57
N GLY A 204 13.27 5.38 19.50
CA GLY A 204 12.44 5.06 18.36
C GLY A 204 11.97 3.62 18.39
N LYS A 205 11.37 3.20 17.28
CA LYS A 205 10.77 1.87 17.20
C LYS A 205 10.63 1.46 15.75
N ALA A 206 10.31 0.19 15.55
CA ALA A 206 9.95 -0.35 14.25
C ALA A 206 9.15 -1.63 14.48
N HIS A 207 8.14 -1.85 13.63
CA HIS A 207 7.29 -3.03 13.74
C HIS A 207 7.68 -4.03 12.65
N ILE A 208 7.65 -5.31 13.02
CA ILE A 208 7.70 -6.40 12.06
C ILE A 208 6.43 -7.22 12.22
N HIS A 209 5.72 -7.45 11.13
CA HIS A 209 4.61 -8.39 11.13
C HIS A 209 5.09 -9.68 10.45
N TRP A 210 5.16 -10.76 11.23
CA TRP A 210 5.64 -12.04 10.73
C TRP A 210 4.54 -12.77 9.95
N GLN A 211 4.87 -13.23 8.76
CA GLN A 211 4.04 -14.17 8.03
C GLN A 211 4.89 -15.42 7.74
N SER A 212 4.28 -16.44 7.14
CA SER A 212 4.94 -17.73 7.14
C SER A 212 6.22 -17.69 6.32
N LYS A 213 6.20 -17.00 5.18
CA LYS A 213 7.47 -16.83 4.48
C LYS A 213 7.82 -15.38 4.12
N GLU A 214 7.14 -14.42 4.75
CA GLU A 214 7.48 -13.02 4.59
C GLU A 214 7.56 -12.31 5.94
N ALA A 215 8.10 -11.10 5.91
CA ALA A 215 8.13 -10.20 7.05
C ALA A 215 7.81 -8.80 6.54
N ILE A 216 6.83 -8.16 7.16
CA ILE A 216 6.33 -6.87 6.73
C ILE A 216 6.76 -5.82 7.76
N PHE A 217 7.57 -4.87 7.32
CA PHE A 217 8.07 -3.80 8.15
C PHE A 217 7.10 -2.62 8.10
N SER A 218 6.95 -1.92 9.22
CA SER A 218 6.05 -0.77 9.28
C SER A 218 6.35 0.04 10.52
N ASP A 219 5.80 1.26 10.54
CA ASP A 219 5.80 2.12 11.72
C ASP A 219 7.22 2.42 12.22
N ILE A 220 8.13 2.59 11.28
CA ILE A 220 9.49 2.96 11.64
C ILE A 220 9.51 4.42 12.06
N ALA A 221 10.14 4.71 13.20
CA ALA A 221 10.14 6.07 13.71
C ALA A 221 11.35 6.28 14.60
N ILE A 222 12.04 7.39 14.39
CA ILE A 222 12.98 7.96 15.33
C ILE A 222 12.48 9.35 15.65
N PHE A 223 12.50 9.71 16.93
CA PHE A 223 12.11 11.06 17.31
C PHE A 223 12.87 12.09 16.48
N PRO A 224 12.23 13.17 16.05
CA PRO A 224 12.98 14.22 15.31
C PRO A 224 14.18 14.75 16.07
N GLN A 225 14.08 14.83 17.40
CA GLN A 225 15.19 15.35 18.21
C GLN A 225 16.39 14.42 18.18
N TYR A 226 16.21 13.16 17.77
CA TYR A 226 17.26 12.15 17.84
C TYR A 226 17.73 11.69 16.47
N GLN A 227 17.33 12.37 15.40
CA GLN A 227 17.46 11.83 14.04
C GLN A 227 18.82 12.09 13.40
N GLY A 228 19.78 12.65 14.10
CA GLY A 228 21.03 12.86 13.38
C GLY A 228 22.09 11.80 13.55
N GLN A 229 21.85 10.78 14.38
CA GLN A 229 22.92 10.05 15.03
C GLN A 229 23.28 8.73 14.35
N GLY A 230 22.54 8.30 13.34
CA GLY A 230 22.74 6.99 12.79
C GLY A 230 21.88 5.91 13.42
N TRP A 231 20.94 6.28 14.29
CA TRP A 231 20.15 5.29 15.03
C TRP A 231 19.05 4.67 14.16
N GLY A 232 18.43 5.46 13.29
CA GLY A 232 17.43 4.89 12.38
C GLY A 232 17.99 3.76 11.54
N GLY A 233 19.19 3.96 10.99
CA GLY A 233 19.82 2.91 10.20
C GLY A 233 20.19 1.69 11.02
N GLU A 234 20.72 1.90 12.23
CA GLU A 234 21.06 0.76 13.08
C GLU A 234 19.82 -0.04 13.45
N LEU A 235 18.74 0.64 13.82
CA LEU A 235 17.51 -0.07 14.19
C LEU A 235 16.97 -0.88 13.03
N LEU A 236 16.86 -0.25 11.86
CA LEU A 236 16.34 -0.99 10.71
C LEU A 236 17.29 -2.11 10.29
N SER A 237 18.60 -1.89 10.42
CA SER A 237 19.60 -2.93 10.14
C SER A 237 19.37 -4.16 11.00
N TYR A 238 19.14 -3.91 12.29
CA TYR A 238 18.90 -4.98 13.26
C TYR A 238 17.65 -5.78 12.89
N CYS A 239 16.58 -5.08 12.50
CA CYS A 239 15.32 -5.74 12.17
C CYS A 239 15.48 -6.61 10.92
N ILE A 240 16.20 -6.10 9.91
CA ILE A 240 16.48 -6.89 8.71
C ILE A 240 17.20 -8.18 9.09
N ASN A 241 18.26 -8.06 9.90
CA ASN A 241 19.03 -9.25 10.25
C ASN A 241 18.21 -10.21 11.10
N GLN A 242 17.27 -9.69 11.92
CA GLN A 242 16.38 -10.57 12.67
C GLN A 242 15.49 -11.39 11.74
N ALA A 243 14.91 -10.74 10.73
CA ALA A 243 14.05 -11.44 9.79
C ALA A 243 14.83 -12.51 9.03
N LEU A 244 16.06 -12.19 8.60
CA LEU A 244 16.87 -13.18 7.89
C LEU A 244 17.23 -14.34 8.81
N THR A 245 17.61 -14.06 10.05
CA THR A 245 17.88 -15.14 11.00
C THR A 245 16.66 -16.04 11.15
N SER A 246 15.47 -15.45 11.11
CA SER A 246 14.21 -16.16 11.28
C SER A 246 13.79 -16.95 10.05
N GLY A 247 14.58 -16.93 8.98
CA GLY A 247 14.26 -17.69 7.80
C GLY A 247 13.33 -17.02 6.81
N LYS A 248 13.05 -15.73 6.97
CA LYS A 248 12.27 -14.97 6.01
C LYS A 248 13.23 -14.13 5.15
N ASN A 249 13.13 -14.27 3.83
CA ASN A 249 13.94 -13.46 2.94
C ASN A 249 13.14 -12.47 2.11
N LYS A 250 11.81 -12.57 2.11
CA LYS A 250 10.97 -11.57 1.47
C LYS A 250 10.57 -10.54 2.52
N LEU A 251 11.29 -9.41 2.53
CA LEU A 251 11.03 -8.34 3.48
C LEU A 251 10.28 -7.23 2.76
N LEU A 253 8.14 -3.48 2.68
CA LEU A 253 8.06 -2.17 3.33
C LEU A 253 7.33 -1.24 2.36
N ASP A 254 6.26 -0.62 2.82
CA ASP A 254 5.49 0.34 2.04
C ASP A 254 5.71 1.74 2.61
N VAL A 255 5.95 2.71 1.72
CA VAL A 255 6.25 4.08 2.12
C VAL A 255 5.35 5.02 1.33
N GLU A 256 4.47 5.73 2.03
CA GLU A 256 3.65 6.76 1.42
C GLU A 256 4.36 8.10 1.55
N THR A 257 4.55 8.78 0.42
CA THR A 257 5.31 10.02 0.41
C THR A 257 5.06 10.74 -0.91
N SER A 258 5.36 12.04 -0.92
CA SER A 258 5.29 12.83 -2.14
C SER A 258 6.67 13.22 -2.65
N ASN A 259 7.73 12.80 -1.97
CA ASN A 259 9.10 13.10 -2.39
C ASN A 259 9.97 11.88 -2.15
N GLN A 260 10.85 11.59 -3.10
CA GLN A 260 11.64 10.37 -3.08
C GLN A 260 12.70 10.38 -1.99
N ASN A 261 13.02 11.54 -1.41
CA ASN A 261 14.06 11.59 -0.39
C ASN A 261 13.67 10.79 0.85
N ALA A 262 12.39 10.47 1.02
CA ALA A 262 11.98 9.55 2.09
C ALA A 262 12.36 8.10 1.79
N LEU A 263 13.06 7.82 0.69
CA LEU A 263 13.50 6.47 0.36
C LEU A 263 14.98 6.24 0.61
N HIS A 264 15.72 7.26 1.05
CA HIS A 264 17.18 7.17 1.05
C HIS A 264 17.67 6.05 1.95
N LEU A 265 17.25 6.04 3.22
CA LEU A 265 17.72 5.03 4.15
C LEU A 265 17.31 3.63 3.71
N TYR A 266 16.05 3.46 3.28
CA TYR A 266 15.55 2.14 2.94
C TYR A 266 16.31 1.54 1.75
N THR A 267 16.38 2.26 0.63
CA THR A 267 17.10 1.76 -0.54
C THR A 267 18.56 1.48 -0.20
N ARG A 268 19.08 2.13 0.83
CA ARG A 268 20.49 2.03 1.12
C ARG A 268 20.80 0.83 1.99
N LEU A 269 19.77 0.31 2.66
CA LEU A 269 19.83 -0.98 3.35
C LEU A 269 19.28 -2.09 2.48
N GLY A 270 19.13 -1.85 1.17
CA GLY A 270 18.87 -2.90 0.21
C GLY A 270 17.43 -3.06 -0.24
N PHE A 271 16.50 -2.23 0.24
CA PHE A 271 15.15 -2.30 -0.30
C PHE A 271 15.12 -1.69 -1.69
N LYS A 272 14.31 -2.25 -2.57
CA LYS A 272 14.14 -1.68 -3.91
C LYS A 272 12.65 -1.47 -4.19
N THR A 273 12.37 -0.51 -5.05
CA THR A 273 10.99 -0.10 -5.32
C THR A 273 10.38 -1.06 -6.34
N ALA A 274 9.62 -2.04 -5.85
CA ALA A 274 9.02 -3.02 -6.75
C ALA A 274 7.85 -2.43 -7.54
N ASN A 275 7.10 -1.50 -6.95
CA ASN A 275 6.03 -0.82 -7.67
C ASN A 275 5.85 0.55 -7.05
N VAL A 276 5.53 1.53 -7.89
CA VAL A 276 5.20 2.88 -7.44
C VAL A 276 3.83 3.24 -7.99
N SER A 277 2.98 3.80 -7.13
CA SER A 277 1.67 4.26 -7.58
C SER A 277 1.46 5.70 -7.15
N ASP A 278 0.86 6.46 -8.04
CA ASP A 278 0.41 7.81 -7.72
C ASP A 278 -1.08 7.78 -7.41
N TYR A 279 -1.52 8.74 -6.60
CA TYR A 279 -2.90 8.81 -6.17
C TYR A 279 -3.47 10.16 -6.59
N TRP A 280 -4.50 10.14 -7.44
CA TRP A 280 -5.15 11.35 -7.92
C TRP A 280 -6.61 11.36 -7.49
N VAL A 281 -7.11 12.54 -7.12
CA VAL A 281 -8.43 12.82 -6.57
C VAL A 281 -9.25 13.54 -7.62
N ILE A 282 -10.54 13.21 -7.77
CA ILE A 282 -11.43 13.97 -8.64
C ILE A 282 -12.82 14.02 -8.02
N PRO A 283 -13.51 15.17 -8.07
CA PRO A 283 -14.92 15.19 -7.66
C PRO A 283 -15.76 14.28 -8.54
N LEU A 284 -16.56 13.43 -7.89
CA LEU A 284 -17.35 12.46 -8.64
C LEU A 284 -18.23 13.10 -9.71
N PRO A 285 -18.99 14.16 -9.44
CA PRO A 285 -19.80 14.76 -10.52
C PRO A 285 -18.96 15.21 -11.70
N GLN A 286 -17.74 15.68 -11.46
CA GLN A 286 -16.91 16.14 -12.57
C GLN A 286 -16.47 14.98 -13.45
N LEU A 287 -16.23 13.81 -12.84
CA LEU A 287 -15.83 12.65 -13.62
C LEU A 287 -16.95 12.17 -14.53
N LEU A 288 -18.21 12.30 -14.10
CA LEU A 288 -19.24 11.75 -14.97
C LEU A 288 -19.77 12.76 -15.97
N THR A 289 -19.22 13.97 -16.02
CA THR A 289 -19.44 14.84 -17.16
C THR A 289 -18.29 14.83 -18.15
N ASN A 290 -17.05 14.67 -17.67
CA ASN A 290 -15.93 14.52 -18.59
C ASN A 290 -15.96 13.16 -19.27
N TRP A 291 -16.44 12.13 -18.59
CA TRP A 291 -16.74 10.84 -19.19
C TRP A 291 -18.25 10.72 -19.29
N ALA A 292 -18.74 10.42 -20.49
CA ALA A 292 -20.18 10.44 -20.73
C ALA A 292 -20.92 9.46 -19.82
N LEU A 293 -22.02 9.94 -19.22
CA LEU A 293 -22.91 9.02 -18.48
C LEU A 293 -24.23 8.99 -19.23
#